data_4JP0
#
_entry.id   4JP0
#
_cell.length_a   48.664
_cell.length_b   65.128
_cell.length_c   117.431
_cell.angle_alpha   90.00
_cell.angle_beta   90.00
_cell.angle_gamma   90.00
#
_symmetry.space_group_name_H-M   'P 21 21 21'
#
loop_
_entity.id
_entity.type
_entity.pdbx_description
1 polymer '43.8 kDa insecticidal crystal protein'
2 water water
#
_entity_poly.entity_id   1
_entity_poly.type   'polypeptide(L)'
_entity_poly.pdbx_seq_one_letter_code
;MLDTNKVYEISNHANGLYAATYLSLDDSGVSLMNKNDDDIDDYNLKWFLFPIDDDQYIITSYAANNCKVWNVNNDKINVS
TYSSTNSIQKWQIKANGSSYVIQSDNGKVLTAGTGQALGLIRLTDESSNNPNQQWNLTSVQTIQLPQKPIIDTKLKDYPK
YSPTGNIDNGTSPQLMGWTLVPCIMVNDPNIDKNTQIKTTPYYILKKYQYWQRAVGSNVALRPHEKKSYTYEWGTEIDQK
TTIINTLGFQINIDSGMKFDIPEVGGGTDEIKTQLNEELKIEYSHETKIMEKYQEQSEIDNPTDQSMNSIGFLTITSLEL
YRYNGSEIRIMQIQTSDNDTYNVTSYPNHQQALLLLTNHSYEEVEEITNIPKSTLIKLKKHYFKK
;
_entity_poly.pdbx_strand_id   A
#
# COMPACT_ATOMS: atom_id res chain seq x y z
N LEU A 2 -16.37 -13.57 3.65
CA LEU A 2 -17.08 -13.71 2.34
C LEU A 2 -16.13 -13.48 1.17
N ASP A 3 -16.46 -13.97 -0.02
CA ASP A 3 -15.68 -13.62 -1.19
C ASP A 3 -15.85 -12.13 -1.48
N THR A 4 -14.78 -11.44 -1.83
CA THR A 4 -14.88 -10.04 -2.13
C THR A 4 -14.54 -9.70 -3.59
N ASN A 5 -14.70 -10.66 -4.48
CA ASN A 5 -14.53 -10.41 -5.90
C ASN A 5 -15.84 -10.67 -6.61
N LYS A 6 -16.93 -10.38 -5.93
CA LYS A 6 -18.26 -10.61 -6.50
C LYS A 6 -19.16 -9.39 -6.45
N VAL A 7 -20.12 -9.37 -7.36
CA VAL A 7 -21.18 -8.39 -7.31
C VAL A 7 -22.37 -9.14 -6.65
N TYR A 8 -22.92 -8.57 -5.59
CA TYR A 8 -23.95 -9.23 -4.84
C TYR A 8 -25.26 -8.48 -4.88
N GLU A 9 -26.36 -9.20 -4.76
CA GLU A 9 -27.66 -8.57 -4.50
C GLU A 9 -27.95 -8.93 -3.06
N ILE A 10 -28.54 -8.02 -2.32
CA ILE A 10 -28.80 -8.26 -0.88
C ILE A 10 -30.31 -8.22 -0.63
N SER A 11 -30.87 -9.31 -0.14
CA SER A 11 -32.31 -9.39 0.06
C SER A 11 -32.69 -9.79 1.47
N ASN A 12 -33.88 -9.39 1.90
CA ASN A 12 -34.29 -9.66 3.25
C ASN A 12 -34.93 -11.05 3.45
N HIS A 13 -34.53 -11.72 4.51
CA HIS A 13 -35.08 -13.05 4.80
C HIS A 13 -36.59 -13.03 5.02
N ALA A 14 -37.08 -12.05 5.78
CA ALA A 14 -38.51 -12.01 6.12
C ALA A 14 -39.40 -11.62 4.95
N ASN A 15 -39.02 -10.58 4.20
CA ASN A 15 -39.95 -10.01 3.22
C ASN A 15 -39.57 -10.16 1.75
N GLY A 16 -38.37 -10.68 1.51
CA GLY A 16 -37.91 -11.02 0.16
C GLY A 16 -37.59 -9.84 -0.75
N LEU A 17 -37.55 -8.65 -0.18
CA LEU A 17 -37.24 -7.42 -0.91
C LEU A 17 -35.75 -7.20 -1.00
N TYR A 18 -35.29 -6.47 -2.03
CA TYR A 18 -33.85 -6.25 -2.25
C TYR A 18 -33.40 -4.83 -1.92
N ALA A 19 -32.22 -4.73 -1.30
CA ALA A 19 -31.66 -3.43 -0.99
C ALA A 19 -31.36 -2.73 -2.31
N ALA A 20 -31.72 -1.44 -2.38
CA ALA A 20 -31.66 -0.73 -3.66
C ALA A 20 -31.40 0.77 -3.51
N THR A 21 -30.75 1.39 -4.50
CA THR A 21 -30.68 2.85 -4.54
C THR A 21 -31.30 3.31 -5.84
N TYR A 22 -31.70 4.58 -5.90
CA TYR A 22 -32.26 5.15 -7.14
C TYR A 22 -31.05 5.43 -8.04
N LEU A 23 -31.08 5.04 -9.30
CA LEU A 23 -29.92 5.21 -10.17
C LEU A 23 -29.59 6.65 -10.51
N SER A 24 -30.60 7.49 -10.55
CA SER A 24 -30.44 8.84 -11.04
C SER A 24 -30.22 9.88 -9.96
N LEU A 25 -30.10 9.43 -8.70
CA LEU A 25 -29.78 10.34 -7.60
C LEU A 25 -28.47 9.85 -6.97
N ASP A 26 -27.38 10.58 -7.18
CA ASP A 26 -26.11 10.09 -6.68
C ASP A 26 -26.07 9.88 -5.14
N ASP A 27 -26.76 10.70 -4.36
CA ASP A 27 -26.72 10.53 -2.89
C ASP A 27 -27.89 9.75 -2.32
N SER A 28 -28.45 8.93 -3.18
CA SER A 28 -29.62 8.13 -2.84
C SER A 28 -29.57 7.43 -1.51
N GLY A 29 -30.73 7.42 -0.83
CA GLY A 29 -30.92 6.56 0.32
C GLY A 29 -31.04 5.13 -0.18
N VAL A 30 -30.85 4.17 0.72
CA VAL A 30 -31.03 2.76 0.40
C VAL A 30 -32.42 2.34 0.90
N SER A 31 -33.19 1.69 0.04
CA SER A 31 -34.53 1.21 0.40
C SER A 31 -34.64 -0.27 0.05
N LEU A 32 -35.83 -0.83 0.21
CA LEU A 32 -36.07 -2.21 -0.16
C LEU A 32 -37.11 -2.26 -1.27
N MET A 33 -36.79 -2.94 -2.36
CA MET A 33 -37.67 -2.97 -3.53
C MET A 33 -37.96 -4.39 -3.93
N ASN A 34 -39.14 -4.60 -4.53
CA ASN A 34 -39.49 -5.90 -5.10
C ASN A 34 -38.82 -6.02 -6.47
N LYS A 35 -38.18 -7.15 -6.74
CA LYS A 35 -37.39 -7.24 -7.98
C LYS A 35 -38.25 -7.22 -9.20
N ASN A 36 -39.56 -7.31 -9.02
CA ASN A 36 -40.47 -7.25 -10.16
C ASN A 36 -41.34 -5.99 -10.15
N ASP A 37 -40.88 -4.98 -9.44
CA ASP A 37 -41.55 -3.70 -9.44
C ASP A 37 -41.54 -3.13 -10.87
N ASP A 38 -42.59 -2.41 -11.24
CA ASP A 38 -42.68 -1.76 -12.55
C ASP A 38 -41.54 -0.82 -12.85
N ASP A 39 -40.97 -0.24 -11.84
CA ASP A 39 -39.87 0.70 -12.04
C ASP A 39 -38.54 0.14 -11.53
N ILE A 40 -38.39 -1.18 -11.44
CA ILE A 40 -37.11 -1.73 -10.92
C ILE A 40 -35.90 -1.31 -11.74
N ASP A 41 -36.12 -1.06 -13.04
CA ASP A 41 -35.01 -0.65 -13.88
C ASP A 41 -34.46 0.75 -13.56
N ASP A 42 -35.13 1.51 -12.70
CA ASP A 42 -34.62 2.83 -12.26
C ASP A 42 -33.83 2.73 -10.96
N TYR A 43 -33.61 1.51 -10.49
CA TYR A 43 -32.84 1.33 -9.27
C TYR A 43 -31.61 0.48 -9.51
N ASN A 44 -30.64 0.60 -8.62
CA ASN A 44 -29.51 -0.30 -8.59
C ASN A 44 -29.68 -1.30 -7.46
N LEU A 45 -29.53 -2.60 -7.75
CA LEU A 45 -29.56 -3.64 -6.71
C LEU A 45 -28.20 -4.32 -6.51
N LYS A 46 -27.15 -3.78 -7.15
CA LYS A 46 -25.86 -4.49 -7.21
C LYS A 46 -24.87 -3.85 -6.27
N TRP A 47 -24.26 -4.69 -5.43
CA TRP A 47 -23.36 -4.22 -4.39
C TRP A 47 -22.01 -4.97 -4.47
N PHE A 48 -20.93 -4.25 -4.23
CA PHE A 48 -19.59 -4.86 -4.23
C PHE A 48 -18.98 -4.71 -2.87
N LEU A 49 -18.54 -5.82 -2.30
CA LEU A 49 -17.94 -5.80 -0.98
C LEU A 49 -16.44 -5.64 -1.10
N PHE A 50 -15.88 -4.66 -0.40
CA PHE A 50 -14.40 -4.59 -0.28
C PHE A 50 -13.99 -4.89 1.16
N PRO A 51 -12.94 -5.67 1.34
CA PRO A 51 -12.50 -6.03 2.69
C PRO A 51 -11.55 -4.94 3.23
N ILE A 52 -11.66 -4.70 4.54
CA ILE A 52 -10.76 -3.80 5.23
C ILE A 52 -10.24 -4.48 6.48
N ASP A 53 -9.42 -3.79 7.24
CA ASP A 53 -8.82 -4.42 8.39
C ASP A 53 -9.87 -4.91 9.41
N ASP A 54 -9.45 -5.87 10.23
CA ASP A 54 -10.24 -6.37 11.34
C ASP A 54 -11.60 -6.98 10.93
N ASP A 55 -11.56 -7.76 9.86
CA ASP A 55 -12.71 -8.53 9.41
C ASP A 55 -13.95 -7.67 9.20
N GLN A 56 -13.75 -6.51 8.57
CA GLN A 56 -14.87 -5.63 8.24
C GLN A 56 -14.95 -5.40 6.74
N TYR A 57 -16.02 -4.74 6.28
CA TYR A 57 -16.23 -4.53 4.88
C TYR A 57 -16.75 -3.14 4.59
N ILE A 58 -16.53 -2.71 3.34
CA ILE A 58 -17.17 -1.49 2.81
C ILE A 58 -18.15 -2.02 1.77
N ILE A 59 -19.39 -1.54 1.80
CA ILE A 59 -20.40 -2.01 0.83
C ILE A 59 -20.59 -0.90 -0.22
N THR A 60 -20.25 -1.22 -1.47
CA THR A 60 -20.14 -0.21 -2.52
C THR A 60 -21.20 -0.36 -3.56
N SER A 61 -21.83 0.75 -3.94
CA SER A 61 -22.82 0.70 -5.00
C SER A 61 -22.06 0.34 -6.31
N TYR A 62 -22.45 -0.76 -6.93
CA TYR A 62 -21.64 -1.25 -8.03
C TYR A 62 -21.92 -0.53 -9.33
N ALA A 63 -21.04 0.40 -9.70
CA ALA A 63 -21.17 1.17 -10.95
C ALA A 63 -22.50 1.90 -11.00
N ALA A 64 -22.96 2.33 -9.82
CA ALA A 64 -24.11 3.20 -9.73
C ALA A 64 -23.81 4.24 -8.65
N ASN A 65 -24.51 5.37 -8.68
CA ASN A 65 -24.29 6.44 -7.69
C ASN A 65 -22.83 6.81 -7.53
N ASN A 66 -22.08 6.81 -8.63
CA ASN A 66 -20.66 7.16 -8.59
C ASN A 66 -19.84 6.27 -7.64
N CYS A 67 -20.30 5.03 -7.47
CA CYS A 67 -19.61 4.08 -6.61
C CYS A 67 -19.48 4.63 -5.20
N LYS A 68 -20.46 5.38 -4.74
CA LYS A 68 -20.52 5.75 -3.33
C LYS A 68 -20.85 4.47 -2.51
N VAL A 69 -20.69 4.54 -1.19
CA VAL A 69 -20.79 3.37 -0.36
C VAL A 69 -21.84 3.52 0.74
N TRP A 70 -22.29 2.41 1.28
CA TRP A 70 -23.30 2.50 2.33
C TRP A 70 -22.78 3.35 3.49
N ASN A 71 -23.64 4.22 3.98
CA ASN A 71 -23.26 5.21 4.92
C ASN A 71 -24.41 5.42 5.88
N VAL A 72 -24.13 5.36 7.17
CA VAL A 72 -25.19 5.44 8.15
C VAL A 72 -25.31 6.85 8.72
N ASN A 73 -26.52 7.39 8.67
CA ASN A 73 -26.79 8.68 9.30
C ASN A 73 -28.09 8.56 10.06
N ASN A 74 -28.06 8.78 11.37
CA ASN A 74 -29.30 8.71 12.13
C ASN A 74 -30.16 7.48 11.84
N ASP A 75 -29.50 6.32 11.87
CA ASP A 75 -30.17 5.01 11.71
C ASP A 75 -30.69 4.73 10.33
N LYS A 76 -30.44 5.62 9.39
CA LYS A 76 -30.87 5.39 8.02
C LYS A 76 -29.63 5.12 7.20
N ILE A 77 -29.77 4.52 6.03
CA ILE A 77 -28.62 4.24 5.20
C ILE A 77 -28.80 4.97 3.89
N ASN A 78 -27.75 5.64 3.45
CA ASN A 78 -27.72 6.18 2.12
C ASN A 78 -26.35 5.83 1.54
N VAL A 79 -26.08 6.26 0.31
CA VAL A 79 -24.72 6.06 -0.21
C VAL A 79 -24.02 7.40 -0.22
N SER A 80 -22.76 7.39 0.26
CA SER A 80 -21.98 8.63 0.30
C SER A 80 -20.56 8.35 -0.17
N THR A 81 -19.85 9.41 -0.51
CA THR A 81 -18.45 9.24 -0.90
C THR A 81 -17.64 8.49 0.18
N TYR A 82 -16.89 7.47 -0.24
CA TYR A 82 -16.10 6.71 0.68
C TYR A 82 -15.14 7.62 1.40
N SER A 83 -15.04 7.43 2.70
CA SER A 83 -14.02 8.13 3.48
C SER A 83 -13.33 7.11 4.38
N SER A 84 -11.99 6.98 4.28
CA SER A 84 -11.30 5.97 5.07
C SER A 84 -11.19 6.37 6.55
N THR A 85 -11.68 7.56 6.89
CA THR A 85 -11.67 7.98 8.26
C THR A 85 -13.06 8.06 8.85
N ASN A 86 -14.06 7.58 8.10
CA ASN A 86 -15.44 7.63 8.56
C ASN A 86 -15.96 6.26 9.01
N SER A 87 -16.05 6.07 10.33
CA SER A 87 -16.40 4.78 10.91
C SER A 87 -17.80 4.29 10.52
N ILE A 88 -18.68 5.24 10.22
CA ILE A 88 -20.06 4.89 9.88
C ILE A 88 -20.20 4.28 8.52
N GLN A 89 -19.10 4.01 7.83
CA GLN A 89 -19.22 3.30 6.57
C GLN A 89 -18.70 1.88 6.69
N LYS A 90 -18.29 1.47 7.89
CA LYS A 90 -17.73 0.11 8.08
C LYS A 90 -18.77 -0.92 8.53
N TRP A 91 -18.72 -2.12 7.98
CA TRP A 91 -19.72 -3.14 8.29
C TRP A 91 -19.08 -4.46 8.68
N GLN A 92 -19.83 -5.25 9.47
CA GLN A 92 -19.50 -6.63 9.76
C GLN A 92 -20.62 -7.43 9.16
N ILE A 93 -20.30 -8.57 8.55
CA ILE A 93 -21.34 -9.45 8.00
C ILE A 93 -21.16 -10.79 8.68
N LYS A 94 -22.14 -11.16 9.50
CA LYS A 94 -22.01 -12.26 10.42
C LYS A 94 -22.93 -13.40 10.02
N ALA A 95 -22.37 -14.57 9.74
CA ALA A 95 -23.19 -15.74 9.42
C ALA A 95 -24.13 -16.07 10.59
N ASN A 96 -25.40 -16.34 10.27
CA ASN A 96 -26.39 -16.68 11.29
C ASN A 96 -27.31 -17.70 10.68
N GLY A 97 -26.95 -18.95 10.84
CA GLY A 97 -27.67 -20.02 10.20
C GLY A 97 -27.51 -19.88 8.70
N SER A 98 -28.63 -19.87 8.00
CA SER A 98 -28.60 -19.83 6.54
C SER A 98 -28.58 -18.41 5.97
N SER A 99 -28.56 -17.40 6.82
CA SER A 99 -28.54 -16.03 6.33
C SER A 99 -27.41 -15.24 6.99
N TYR A 100 -27.52 -13.95 7.01
CA TYR A 100 -26.50 -13.12 7.63
C TYR A 100 -27.09 -11.95 8.37
N VAL A 101 -26.39 -11.52 9.41
CA VAL A 101 -26.73 -10.30 10.12
C VAL A 101 -25.72 -9.27 9.63
N ILE A 102 -26.19 -8.08 9.27
CA ILE A 102 -25.31 -7.04 8.76
C ILE A 102 -25.25 -5.98 9.82
N GLN A 103 -24.07 -5.80 10.39
CA GLN A 103 -23.95 -4.92 11.54
C GLN A 103 -23.05 -3.71 11.25
N SER A 104 -23.57 -2.53 11.60
CA SER A 104 -22.78 -1.31 11.46
C SER A 104 -21.66 -1.24 12.52
N ASP A 105 -20.63 -0.47 12.22
CA ASP A 105 -19.60 -0.15 13.19
C ASP A 105 -20.18 0.38 14.50
N ASN A 106 -21.34 1.02 14.43
CA ASN A 106 -21.96 1.55 15.64
C ASN A 106 -22.67 0.47 16.49
N GLY A 107 -22.61 -0.77 16.04
CA GLY A 107 -23.17 -1.88 16.77
C GLY A 107 -24.61 -2.26 16.44
N LYS A 108 -25.34 -1.38 15.77
CA LYS A 108 -26.72 -1.69 15.36
C LYS A 108 -26.71 -2.56 14.11
N VAL A 109 -27.85 -3.15 13.78
CA VAL A 109 -27.89 -4.09 12.67
C VAL A 109 -28.98 -3.70 11.69
N LEU A 110 -28.76 -4.07 10.43
CA LEU A 110 -29.70 -3.78 9.35
C LEU A 110 -31.02 -4.48 9.63
N THR A 111 -32.11 -3.70 9.59
CA THR A 111 -33.45 -4.18 9.91
C THR A 111 -34.51 -3.70 8.92
N ALA A 112 -35.30 -4.62 8.35
CA ALA A 112 -36.39 -4.23 7.48
C ALA A 112 -37.59 -3.79 8.28
N GLY A 113 -38.16 -2.65 7.90
CA GLY A 113 -39.41 -2.16 8.50
C GLY A 113 -40.56 -3.07 8.10
N THR A 114 -41.62 -3.04 8.90
CA THR A 114 -42.83 -3.82 8.64
C THR A 114 -44.07 -2.93 8.61
N GLY A 115 -45.15 -3.47 8.06
CA GLY A 115 -46.42 -2.74 8.03
C GLY A 115 -46.33 -1.48 7.22
N GLN A 116 -46.61 -0.35 7.88
CA GLN A 116 -46.59 0.94 7.21
C GLN A 116 -45.17 1.27 6.84
N ALA A 117 -44.20 0.59 7.46
CA ALA A 117 -42.80 0.82 7.09
C ALA A 117 -42.23 -0.29 6.18
N LEU A 118 -43.10 -1.11 5.59
CA LEU A 118 -42.59 -2.13 4.65
C LEU A 118 -41.99 -1.41 3.41
N GLY A 119 -40.76 -1.78 3.09
CA GLY A 119 -40.02 -1.07 2.06
C GLY A 119 -38.88 -0.25 2.68
N LEU A 120 -38.96 0.05 3.97
CA LEU A 120 -37.92 0.83 4.63
C LEU A 120 -36.81 -0.06 5.19
N ILE A 121 -35.57 0.47 5.24
CA ILE A 121 -34.50 -0.28 5.91
C ILE A 121 -33.82 0.69 6.88
N ARG A 122 -33.58 0.22 8.10
CA ARG A 122 -33.01 1.07 9.16
C ARG A 122 -32.00 0.26 9.97
N LEU A 123 -31.21 0.94 10.83
CA LEU A 123 -30.34 0.25 11.74
C LEU A 123 -31.07 0.28 13.06
N THR A 124 -31.13 -0.87 13.73
CA THR A 124 -31.61 -0.86 15.11
C THR A 124 -30.94 -1.96 15.93
N ASP A 125 -31.26 -2.03 17.21
CA ASP A 125 -30.58 -2.97 18.08
C ASP A 125 -30.92 -4.40 17.72
N GLU A 126 -29.92 -5.28 17.79
CA GLU A 126 -30.14 -6.68 17.43
C GLU A 126 -31.03 -7.38 18.46
N SER A 127 -32.02 -8.12 17.96
CA SER A 127 -32.89 -8.84 18.86
C SER A 127 -32.62 -10.36 18.74
N SER A 128 -33.19 -11.15 19.64
CA SER A 128 -32.88 -12.55 19.72
C SER A 128 -33.13 -13.31 18.49
N ASN A 129 -34.42 -13.16 18.04
CA ASN A 129 -34.47 -13.68 16.71
C ASN A 129 -35.48 -13.13 15.75
N ASN A 130 -35.14 -12.18 15.00
CA ASN A 130 -35.95 -11.30 14.27
C ASN A 130 -35.60 -11.61 12.85
N PRO A 131 -36.52 -12.27 12.16
CA PRO A 131 -36.29 -12.62 10.76
C PRO A 131 -36.07 -11.36 9.92
N ASN A 132 -36.57 -10.20 10.38
CA ASN A 132 -36.37 -8.94 9.67
C ASN A 132 -34.93 -8.39 9.77
N GLN A 133 -34.11 -9.03 10.58
CA GLN A 133 -32.72 -8.66 10.71
C GLN A 133 -31.82 -9.71 10.04
N GLN A 134 -32.41 -10.58 9.22
CA GLN A 134 -31.61 -11.59 8.52
C GLN A 134 -31.61 -11.28 7.00
N TRP A 135 -30.46 -11.49 6.36
CA TRP A 135 -30.23 -11.07 4.99
C TRP A 135 -29.50 -12.14 4.19
N ASN A 136 -29.83 -12.20 2.90
CA ASN A 136 -29.22 -13.14 2.00
C ASN A 136 -28.39 -12.41 0.99
N LEU A 137 -27.25 -12.99 0.63
CA LEU A 137 -26.37 -12.43 -0.39
C LEU A 137 -26.36 -13.34 -1.59
N THR A 138 -26.72 -12.80 -2.74
CA THR A 138 -26.78 -13.58 -3.96
C THR A 138 -25.71 -13.08 -4.92
N SER A 139 -24.79 -13.94 -5.33
CA SER A 139 -23.75 -13.55 -6.30
C SER A 139 -24.27 -13.49 -7.74
N VAL A 140 -24.14 -12.35 -8.40
CA VAL A 140 -24.61 -12.24 -9.78
C VAL A 140 -23.48 -12.10 -10.74
N GLN A 141 -22.27 -11.86 -10.22
CA GLN A 141 -21.07 -11.80 -11.06
C GLN A 141 -19.83 -12.04 -10.22
N THR A 142 -18.88 -12.78 -10.77
CA THR A 142 -17.60 -12.96 -10.11
C THR A 142 -16.51 -12.43 -11.07
N ILE A 143 -15.61 -11.62 -10.55
CA ILE A 143 -14.50 -11.06 -11.30
C ILE A 143 -13.25 -11.78 -10.88
N GLN A 144 -12.53 -12.33 -11.85
CA GLN A 144 -11.27 -13.01 -11.55
C GLN A 144 -10.21 -11.95 -11.25
N LEU A 145 -9.45 -12.17 -10.18
CA LEU A 145 -8.49 -11.17 -9.73
C LEU A 145 -7.08 -11.47 -10.20
N PRO A 146 -6.23 -10.44 -10.28
CA PRO A 146 -4.83 -10.64 -10.65
C PRO A 146 -4.20 -11.61 -9.64
N GLN A 147 -3.37 -12.49 -10.14
CA GLN A 147 -2.68 -13.54 -9.42
C GLN A 147 -1.38 -12.96 -8.82
N LYS A 148 -1.12 -13.18 -7.54
CA LYS A 148 0.10 -12.68 -6.92
C LYS A 148 1.33 -13.43 -7.46
N PRO A 149 2.32 -12.68 -7.93
CA PRO A 149 3.55 -13.26 -8.47
C PRO A 149 4.52 -13.72 -7.36
N ILE A 150 5.67 -14.21 -7.74
CA ILE A 150 6.68 -14.63 -6.78
C ILE A 150 7.30 -13.42 -6.10
N ILE A 151 7.35 -13.45 -4.78
CA ILE A 151 7.86 -12.30 -4.04
C ILE A 151 9.21 -12.62 -3.49
N ASP A 152 10.18 -11.70 -3.60
CA ASP A 152 11.50 -11.98 -3.01
C ASP A 152 11.49 -11.70 -1.50
N THR A 153 12.41 -12.30 -0.75
CA THR A 153 12.49 -12.03 0.69
C THR A 153 13.86 -11.53 1.13
N LYS A 154 14.85 -11.66 0.26
CA LYS A 154 16.21 -11.22 0.59
C LYS A 154 16.79 -10.26 -0.46
N LEU A 155 17.13 -9.06 -0.02
CA LEU A 155 17.68 -8.08 -0.93
C LEU A 155 19.11 -8.46 -1.29
N LYS A 156 19.44 -8.45 -2.56
CA LYS A 156 20.82 -8.75 -2.99
C LYS A 156 21.81 -7.80 -2.35
N ASP A 157 23.07 -8.20 -2.25
CA ASP A 157 24.12 -7.35 -1.69
C ASP A 157 24.36 -6.11 -2.55
N TYR A 158 24.84 -5.01 -1.95
CA TYR A 158 25.19 -3.83 -2.75
C TYR A 158 26.44 -4.17 -3.55
N PRO A 159 26.67 -3.48 -4.66
CA PRO A 159 27.77 -3.81 -5.57
C PRO A 159 29.12 -3.59 -4.92
N LYS A 160 30.11 -4.33 -5.39
CA LYS A 160 31.48 -4.15 -4.89
C LYS A 160 32.38 -3.90 -6.07
N TYR A 161 33.51 -3.24 -5.83
CA TYR A 161 34.44 -2.95 -6.92
C TYR A 161 35.04 -4.25 -7.47
N SER A 162 35.31 -4.24 -8.76
CA SER A 162 35.93 -5.39 -9.44
C SER A 162 37.43 -5.16 -9.41
N GLY A 165 39.42 -1.52 -11.28
CA GLY A 165 38.48 -1.10 -10.23
C GLY A 165 37.18 -0.45 -10.70
N ASN A 166 36.30 -1.25 -11.29
CA ASN A 166 35.02 -0.74 -11.77
C ASN A 166 33.91 -1.25 -10.91
N ILE A 167 32.78 -0.57 -10.93
CA ILE A 167 31.65 -1.01 -10.11
C ILE A 167 30.33 -0.61 -10.75
N ASP A 168 29.31 -1.43 -10.50
CA ASP A 168 27.99 -1.18 -11.01
C ASP A 168 27.36 0.03 -10.28
N ASN A 169 26.38 0.65 -10.92
CA ASN A 169 25.70 1.79 -10.32
C ASN A 169 24.59 1.39 -9.40
N GLY A 170 24.22 0.12 -9.43
CA GLY A 170 23.14 -0.36 -8.58
C GLY A 170 22.81 -1.80 -8.83
N THR A 171 21.73 -2.27 -8.23
CA THR A 171 21.25 -3.62 -8.51
C THR A 171 19.85 -3.61 -9.10
N SER A 172 19.36 -4.76 -9.54
CA SER A 172 18.06 -4.78 -10.22
C SER A 172 16.89 -4.77 -9.25
N PRO A 173 15.81 -4.08 -9.60
CA PRO A 173 14.63 -4.04 -8.72
C PRO A 173 14.14 -5.45 -8.36
N GLN A 174 13.94 -5.70 -7.07
CA GLN A 174 13.37 -6.97 -6.60
C GLN A 174 12.01 -6.70 -5.99
N LEU A 175 11.00 -7.48 -6.37
CA LEU A 175 9.66 -7.27 -5.83
C LEU A 175 9.61 -7.84 -4.43
N MET A 176 9.44 -6.97 -3.43
CA MET A 176 9.48 -7.36 -2.04
C MET A 176 8.11 -7.41 -1.42
N GLY A 177 7.10 -6.87 -2.10
CA GLY A 177 5.73 -6.85 -1.57
C GLY A 177 4.73 -6.54 -2.67
N TRP A 178 3.51 -7.07 -2.56
CA TRP A 178 2.49 -6.91 -3.59
C TRP A 178 1.16 -7.08 -2.89
N THR A 179 0.21 -6.22 -3.18
CA THR A 179 -1.07 -6.32 -2.49
C THR A 179 -2.16 -5.67 -3.32
N LEU A 180 -3.40 -6.08 -3.12
CA LEU A 180 -4.51 -5.58 -3.92
C LEU A 180 -5.26 -4.48 -3.16
N VAL A 181 -5.49 -3.35 -3.83
CA VAL A 181 -6.13 -2.23 -3.17
C VAL A 181 -7.48 -1.94 -3.79
N PRO A 182 -8.52 -1.94 -2.97
CA PRO A 182 -9.86 -1.59 -3.45
C PRO A 182 -9.86 -0.25 -4.23
N CYS A 183 -10.53 -0.24 -5.38
CA CYS A 183 -10.52 0.95 -6.22
C CYS A 183 -11.12 2.16 -5.51
N ILE A 184 -12.05 1.93 -4.58
CA ILE A 184 -12.64 3.03 -3.84
C ILE A 184 -11.61 3.80 -3.04
N MET A 185 -10.49 3.18 -2.72
CA MET A 185 -9.43 3.81 -1.94
C MET A 185 -8.37 4.45 -2.84
N VAL A 186 -8.61 4.41 -4.14
CA VAL A 186 -7.66 4.95 -5.10
C VAL A 186 -8.23 6.12 -5.87
N ASN A 187 -7.53 7.25 -5.84
CA ASN A 187 -7.94 8.41 -6.60
C ASN A 187 -7.23 8.34 -7.94
N ASP A 188 -7.99 7.94 -8.97
CA ASP A 188 -7.47 7.75 -10.34
C ASP A 188 -8.28 8.70 -11.23
N PRO A 189 -7.76 9.92 -11.37
CA PRO A 189 -8.45 11.01 -12.08
C PRO A 189 -8.61 10.78 -13.57
N ASN A 190 -7.93 9.79 -14.13
CA ASN A 190 -8.08 9.56 -15.55
C ASN A 190 -9.11 8.51 -15.96
N ILE A 191 -9.94 8.05 -15.03
CA ILE A 191 -10.98 7.07 -15.38
C ILE A 191 -12.18 7.36 -14.52
N ASP A 192 -13.39 7.18 -15.04
CA ASP A 192 -14.57 7.41 -14.22
C ASP A 192 -14.81 6.27 -13.21
N LYS A 193 -15.50 6.61 -12.13
CA LYS A 193 -15.61 5.67 -11.05
C LYS A 193 -16.38 4.42 -11.49
N ASN A 194 -17.42 4.59 -12.29
CA ASN A 194 -18.22 3.44 -12.68
C ASN A 194 -17.44 2.51 -13.58
N THR A 195 -16.65 3.08 -14.49
CA THR A 195 -15.85 2.27 -15.36
C THR A 195 -14.72 1.61 -14.58
N GLN A 196 -14.18 2.36 -13.62
CA GLN A 196 -13.17 1.86 -12.71
C GLN A 196 -13.56 0.55 -11.99
N ILE A 197 -14.70 0.58 -11.32
CA ILE A 197 -15.10 -0.61 -10.58
C ILE A 197 -15.44 -1.80 -11.51
N LYS A 198 -15.88 -1.53 -12.74
CA LYS A 198 -16.23 -2.59 -13.67
C LYS A 198 -15.03 -3.26 -14.31
N THR A 199 -13.94 -2.52 -14.42
CA THR A 199 -12.78 -3.01 -15.13
C THR A 199 -11.57 -3.23 -14.24
N THR A 200 -11.44 -2.51 -13.15
CA THR A 200 -10.28 -2.65 -12.31
C THR A 200 -10.64 -2.48 -10.83
N PRO A 201 -11.55 -3.31 -10.33
CA PRO A 201 -12.04 -3.09 -8.96
C PRO A 201 -10.93 -3.21 -7.93
N TYR A 202 -9.90 -3.99 -8.24
CA TYR A 202 -8.70 -4.00 -7.40
C TYR A 202 -7.51 -3.51 -8.15
N TYR A 203 -6.79 -2.56 -7.56
CA TYR A 203 -5.51 -2.09 -8.14
C TYR A 203 -4.40 -2.90 -7.53
N ILE A 204 -3.26 -2.98 -8.22
CA ILE A 204 -2.09 -3.67 -7.71
C ILE A 204 -1.08 -2.64 -7.21
N LEU A 205 -0.71 -2.78 -5.95
CA LEU A 205 0.31 -1.91 -5.33
C LEU A 205 1.56 -2.79 -5.05
N LYS A 206 2.68 -2.42 -5.66
CA LYS A 206 3.91 -3.18 -5.56
C LYS A 206 4.92 -2.38 -4.82
N LYS A 207 5.80 -3.09 -4.14
CA LYS A 207 6.98 -2.50 -3.49
C LYS A 207 8.25 -3.18 -3.98
N TYR A 208 9.09 -2.43 -4.70
CA TYR A 208 10.38 -2.93 -5.16
C TYR A 208 11.46 -2.30 -4.35
N GLN A 209 12.54 -3.06 -4.15
CA GLN A 209 13.74 -2.49 -3.52
C GLN A 209 14.95 -2.92 -4.34
N TYR A 210 16.01 -2.12 -4.24
CA TYR A 210 17.25 -2.35 -4.95
C TYR A 210 18.27 -1.34 -4.43
N TRP A 211 19.53 -1.55 -4.75
CA TRP A 211 20.58 -0.61 -4.38
C TRP A 211 20.85 0.33 -5.56
N GLN A 212 21.27 1.57 -5.24
CA GLN A 212 21.64 2.61 -6.19
C GLN A 212 22.74 3.52 -5.60
N ARG A 213 23.71 3.90 -6.42
CA ARG A 213 24.78 4.80 -6.04
C ARG A 213 24.21 6.06 -5.40
N ALA A 214 24.80 6.51 -4.30
CA ALA A 214 24.36 7.75 -3.67
C ALA A 214 25.03 8.92 -4.37
N VAL A 215 24.23 9.87 -4.83
CA VAL A 215 24.72 11.04 -5.51
C VAL A 215 25.62 11.82 -4.53
N GLY A 216 26.84 12.10 -4.97
CA GLY A 216 27.83 12.85 -4.21
C GLY A 216 28.85 11.97 -3.48
N SER A 217 28.58 10.66 -3.45
CA SER A 217 29.40 9.73 -2.66
C SER A 217 30.68 9.21 -3.31
N ASN A 218 30.91 9.48 -4.59
CA ASN A 218 32.14 8.99 -5.22
C ASN A 218 33.25 9.94 -4.82
N VAL A 219 34.20 9.41 -4.07
CA VAL A 219 35.26 10.23 -3.51
C VAL A 219 36.61 9.64 -3.83
N ALA A 220 37.56 10.49 -4.18
CA ALA A 220 38.94 10.08 -4.45
C ALA A 220 39.82 10.58 -3.33
N LEU A 221 40.58 9.68 -2.73
CA LEU A 221 41.48 10.05 -1.65
C LEU A 221 42.93 9.81 -1.96
N ARG A 222 43.78 10.75 -1.56
CA ARG A 222 45.21 10.54 -1.67
C ARG A 222 45.68 9.80 -0.41
N PRO A 223 46.94 9.38 -0.38
CA PRO A 223 47.47 8.73 0.82
C PRO A 223 47.35 9.58 2.07
N HIS A 224 46.98 8.92 3.17
CA HIS A 224 47.02 9.50 4.51
C HIS A 224 46.16 10.74 4.66
N GLU A 225 44.90 10.65 4.28
CA GLU A 225 44.05 11.82 4.46
C GLU A 225 42.63 11.39 4.68
N LYS A 226 41.87 12.25 5.35
CA LYS A 226 40.44 12.09 5.57
C LYS A 226 39.82 13.11 4.63
N LYS A 227 38.65 12.81 4.11
CA LYS A 227 38.01 13.75 3.20
C LYS A 227 36.55 13.82 3.59
N SER A 228 36.06 15.04 3.76
CA SER A 228 34.69 15.25 4.12
C SER A 228 33.87 15.33 2.85
N TYR A 229 32.64 14.85 2.90
CA TYR A 229 31.79 14.90 1.74
C TYR A 229 30.31 14.83 2.12
N THR A 230 29.46 15.02 1.12
CA THR A 230 28.05 14.96 1.37
C THR A 230 27.38 14.14 0.26
N TYR A 231 26.43 13.30 0.65
CA TYR A 231 25.67 12.56 -0.34
C TYR A 231 24.22 12.91 -0.11
N GLU A 232 23.40 12.67 -1.11
CA GLU A 232 21.98 12.96 -1.05
C GLU A 232 21.15 11.72 -0.78
N TRP A 233 20.03 11.89 -0.10
CA TRP A 233 19.10 10.79 0.09
C TRP A 233 17.73 11.38 0.28
N GLY A 234 16.74 10.54 0.51
CA GLY A 234 15.37 11.02 0.65
C GLY A 234 14.61 10.75 -0.64
N THR A 235 13.94 11.78 -1.14
CA THR A 235 13.20 11.63 -2.38
C THR A 235 13.14 12.94 -3.10
N GLU A 236 13.11 12.89 -4.42
CA GLU A 236 12.99 14.09 -5.23
C GLU A 236 11.59 14.17 -5.80
N ILE A 237 10.75 13.22 -5.41
CA ILE A 237 9.38 13.17 -5.88
C ILE A 237 8.49 14.03 -4.98
N ASP A 238 7.57 14.75 -5.59
CA ASP A 238 6.56 15.48 -4.85
C ASP A 238 5.55 14.47 -4.29
N GLN A 239 5.43 14.37 -2.96
CA GLN A 239 4.55 13.34 -2.39
C GLN A 239 3.09 13.76 -2.48
N LYS A 240 2.85 15.07 -2.46
CA LYS A 240 1.50 15.60 -2.55
C LYS A 240 0.80 15.13 -3.81
N THR A 241 1.47 15.24 -4.96
CA THR A 241 0.81 14.88 -6.21
C THR A 241 0.93 13.42 -6.63
N THR A 242 1.62 12.63 -5.83
CA THR A 242 1.79 11.23 -6.15
C THR A 242 1.11 10.28 -5.21
N ILE A 243 1.76 9.92 -4.13
CA ILE A 243 1.22 9.00 -3.12
C ILE A 243 0.14 9.54 -2.20
N ILE A 244 0.28 10.78 -1.73
CA ILE A 244 -0.76 11.32 -0.87
C ILE A 244 -2.05 11.48 -1.65
N ASN A 245 -2.04 12.20 -2.77
CA ASN A 245 -3.33 12.41 -3.42
C ASN A 245 -3.90 11.15 -4.04
N THR A 246 -3.08 10.13 -4.29
CA THR A 246 -3.58 8.90 -4.90
C THR A 246 -4.04 7.86 -3.89
N LEU A 247 -3.29 7.68 -2.81
CA LEU A 247 -3.61 6.64 -1.81
C LEU A 247 -3.86 7.15 -0.39
N GLY A 248 -3.59 8.43 -0.13
CA GLY A 248 -3.85 8.94 1.21
C GLY A 248 -2.79 8.60 2.25
N PHE A 249 -1.56 8.34 1.82
CA PHE A 249 -0.47 8.17 2.79
C PHE A 249 0.82 8.77 2.25
N GLN A 250 1.74 9.05 3.16
CA GLN A 250 3.06 9.60 2.80
C GLN A 250 4.18 8.77 3.42
N ILE A 251 5.39 8.95 2.90
CA ILE A 251 6.55 8.29 3.46
C ILE A 251 7.27 9.35 4.26
N ASN A 252 7.51 9.06 5.53
CA ASN A 252 8.22 10.01 6.40
C ASN A 252 9.72 9.79 6.40
N ILE A 253 10.45 10.64 7.13
CA ILE A 253 11.92 10.63 7.06
C ILE A 253 12.55 9.29 7.49
N ASP A 254 11.75 8.60 8.28
CA ASP A 254 11.84 7.28 8.86
C ASP A 254 11.76 6.19 7.76
N SER A 255 11.32 6.59 6.57
CA SER A 255 10.93 5.62 5.52
C SER A 255 9.69 4.82 5.96
N GLY A 256 9.08 5.23 7.07
CA GLY A 256 7.84 4.56 7.47
C GLY A 256 6.67 5.31 6.89
N MET A 257 5.50 4.68 6.87
CA MET A 257 4.36 5.35 6.28
C MET A 257 3.53 6.09 7.34
N LYS A 258 2.88 7.16 6.90
CA LYS A 258 2.06 8.00 7.74
C LYS A 258 0.79 8.30 6.96
N PHE A 259 -0.37 8.10 7.55
CA PHE A 259 -1.63 8.26 6.82
C PHE A 259 -2.21 9.67 6.87
N ASP A 260 -2.63 10.19 5.71
CA ASP A 260 -3.20 11.52 5.63
C ASP A 260 -4.66 11.52 5.20
N ILE A 261 -5.32 12.68 5.31
CA ILE A 261 -6.65 12.85 4.72
C ILE A 261 -6.36 13.56 3.42
N PRO A 262 -6.54 12.86 2.30
CA PRO A 262 -6.19 13.39 0.98
C PRO A 262 -7.09 14.52 0.52
N GLU A 263 -6.57 15.37 -0.36
CA GLU A 263 -7.29 16.51 -0.95
C GLU A 263 -8.52 16.03 -1.72
N VAL A 264 -8.38 14.87 -2.35
CA VAL A 264 -9.45 14.22 -3.09
C VAL A 264 -9.26 12.71 -2.87
N GLY A 265 -10.34 11.96 -2.67
CA GLY A 265 -10.19 10.53 -2.43
C GLY A 265 -10.38 10.16 -0.97
N GLY A 266 -10.79 8.91 -0.72
CA GLY A 266 -11.00 8.41 0.62
C GLY A 266 -9.77 7.91 1.36
N GLY A 267 -8.72 7.53 0.63
CA GLY A 267 -7.51 7.03 1.28
C GLY A 267 -7.50 5.55 1.69
N THR A 268 -6.42 5.11 2.33
CA THR A 268 -6.24 3.70 2.67
C THR A 268 -6.09 3.45 4.16
N ASP A 269 -6.54 4.39 4.99
CA ASP A 269 -6.38 4.24 6.42
C ASP A 269 -6.93 2.92 6.94
N GLU A 270 -7.99 2.46 6.33
CA GLU A 270 -8.64 1.27 6.81
C GLU A 270 -7.99 -0.03 6.37
N ILE A 271 -6.92 0.05 5.58
CA ILE A 271 -6.20 -1.16 5.22
C ILE A 271 -4.73 -1.04 5.65
N LYS A 272 -4.45 -0.13 6.56
CA LYS A 272 -3.06 0.03 7.01
C LYS A 272 -2.37 -1.23 7.54
N THR A 273 -3.11 -2.10 8.17
CA THR A 273 -2.52 -3.36 8.67
C THR A 273 -2.13 -4.23 7.48
N GLN A 274 -2.99 -4.26 6.48
CA GLN A 274 -2.74 -5.03 5.26
C GLN A 274 -1.50 -4.49 4.55
N LEU A 275 -1.42 -3.17 4.46
CA LEU A 275 -0.26 -2.57 3.85
C LEU A 275 1.02 -2.90 4.61
N ASN A 276 0.97 -2.78 5.93
CA ASN A 276 2.15 -3.03 6.74
C ASN A 276 2.62 -4.46 6.51
N GLU A 277 1.67 -5.39 6.58
CA GLU A 277 2.02 -6.78 6.48
C GLU A 277 2.41 -7.25 5.06
N GLU A 278 1.64 -6.86 4.05
CA GLU A 278 1.84 -7.35 2.69
C GLU A 278 2.89 -6.58 1.92
N LEU A 279 3.13 -5.33 2.28
CA LEU A 279 4.20 -4.59 1.64
C LEU A 279 5.45 -4.51 2.49
N LYS A 280 5.33 -4.94 3.74
CA LYS A 280 6.46 -4.90 4.70
C LYS A 280 7.01 -3.52 4.84
N ILE A 281 6.12 -2.58 5.11
CA ILE A 281 6.50 -1.20 5.34
C ILE A 281 6.11 -0.87 6.77
N GLU A 282 7.05 -0.34 7.54
CA GLU A 282 6.80 0.00 8.92
C GLU A 282 5.96 1.27 9.03
N TYR A 283 5.22 1.36 10.13
CA TYR A 283 4.57 2.61 10.49
C TYR A 283 5.68 3.56 10.90
N SER A 284 5.55 4.81 10.50
CA SER A 284 6.55 5.82 10.84
C SER A 284 6.55 6.12 12.32
N HIS A 285 7.71 6.52 12.83
CA HIS A 285 7.86 6.92 14.23
C HIS A 285 8.22 8.40 14.29
N GLU A 286 8.18 9.05 13.13
CA GLU A 286 8.52 10.44 12.99
C GLU A 286 7.35 11.24 12.53
N THR A 287 7.50 12.55 12.57
CA THR A 287 6.44 13.42 12.13
C THR A 287 6.82 14.16 10.86
N LYS A 288 8.10 14.13 10.49
CA LYS A 288 8.55 14.84 9.29
C LYS A 288 8.41 13.99 8.01
N ILE A 289 7.74 14.55 7.00
CA ILE A 289 7.60 13.92 5.70
C ILE A 289 8.95 13.81 5.02
N MET A 290 9.20 12.75 4.26
CA MET A 290 10.51 12.66 3.60
C MET A 290 10.67 13.70 2.50
N GLU A 291 11.76 14.44 2.54
CA GLU A 291 12.07 15.33 1.44
C GLU A 291 13.42 14.95 0.81
N LYS A 292 14.18 15.93 0.40
CA LYS A 292 15.51 15.74 -0.17
C LYS A 292 16.55 16.19 0.88
N TYR A 293 17.50 15.32 1.23
CA TYR A 293 18.52 15.63 2.24
C TYR A 293 19.96 15.43 1.81
N GLN A 294 20.89 15.93 2.64
CA GLN A 294 22.33 15.71 2.45
C GLN A 294 22.97 15.33 3.77
N GLU A 295 23.58 14.15 3.82
CA GLU A 295 24.15 13.69 5.06
C GLU A 295 25.64 13.95 5.00
N GLN A 296 26.14 14.64 6.02
CA GLN A 296 27.58 14.91 6.08
C GLN A 296 28.27 13.61 6.45
N SER A 297 29.37 13.28 5.78
CA SER A 297 30.07 12.08 6.15
C SER A 297 31.55 12.25 5.93
N GLU A 298 32.30 11.22 6.27
CA GLU A 298 33.74 11.33 6.18
C GLU A 298 34.30 10.00 5.73
N ILE A 299 35.37 10.03 4.94
CA ILE A 299 36.13 8.84 4.57
C ILE A 299 37.53 9.04 5.04
N ASP A 300 38.07 8.03 5.70
CA ASP A 300 39.44 8.08 6.19
C ASP A 300 40.27 7.09 5.37
N ASN A 301 41.44 7.51 4.91
CA ASN A 301 42.41 6.65 4.23
C ASN A 301 43.78 6.74 4.89
N PRO A 302 43.98 5.89 5.88
CA PRO A 302 45.20 5.91 6.69
C PRO A 302 46.33 5.11 6.08
N THR A 303 46.32 4.92 4.77
CA THR A 303 47.36 4.09 4.17
C THR A 303 48.24 4.94 3.27
N ASP A 304 49.34 4.38 2.79
CA ASP A 304 50.27 5.10 1.92
C ASP A 304 49.93 4.97 0.44
N GLN A 305 48.77 4.43 0.11
CA GLN A 305 48.33 4.34 -1.28
C GLN A 305 47.05 5.16 -1.48
N SER A 306 46.73 5.47 -2.72
CA SER A 306 45.51 6.23 -2.98
C SER A 306 44.30 5.30 -2.88
N MET A 307 43.10 5.87 -2.79
CA MET A 307 41.92 5.04 -2.66
C MET A 307 40.72 5.75 -3.23
N ASN A 308 39.74 4.97 -3.69
CA ASN A 308 38.48 5.49 -4.21
C ASN A 308 37.36 4.88 -3.38
N SER A 309 36.29 5.65 -3.16
CA SER A 309 35.15 5.15 -2.38
C SER A 309 33.88 5.56 -3.08
N ILE A 310 32.83 4.80 -2.85
CA ILE A 310 31.51 5.15 -3.34
C ILE A 310 30.53 4.55 -2.37
N GLY A 311 29.34 5.15 -2.30
CA GLY A 311 28.33 4.65 -1.39
C GLY A 311 27.04 4.26 -2.09
N PHE A 312 26.32 3.33 -1.47
CA PHE A 312 25.02 2.92 -1.98
C PHE A 312 23.92 3.06 -0.94
N LEU A 313 22.71 3.26 -1.45
CA LEU A 313 21.49 3.34 -0.64
C LEU A 313 20.49 2.33 -1.16
N THR A 314 19.65 1.81 -0.27
CA THR A 314 18.56 0.96 -0.66
C THR A 314 17.46 1.88 -1.09
N ILE A 315 17.01 1.70 -2.33
CA ILE A 315 15.90 2.46 -2.86
C ILE A 315 14.64 1.65 -2.67
N THR A 316 13.54 2.32 -2.31
CA THR A 316 12.24 1.64 -2.27
C THR A 316 11.34 2.32 -3.29
N SER A 317 10.72 1.52 -4.16
CA SER A 317 9.82 2.08 -5.16
C SER A 317 8.40 1.52 -4.94
N LEU A 318 7.47 2.41 -4.62
CA LEU A 318 6.07 2.03 -4.45
C LEU A 318 5.38 2.38 -5.76
N GLU A 319 4.70 1.42 -6.38
CA GLU A 319 4.13 1.66 -7.71
C GLU A 319 2.72 1.07 -7.76
N LEU A 320 1.78 1.85 -8.25
CA LEU A 320 0.39 1.47 -8.26
C LEU A 320 -0.12 1.33 -9.69
N TYR A 321 -0.84 0.24 -9.94
CA TYR A 321 -1.31 -0.12 -11.28
C TYR A 321 -2.80 -0.45 -11.34
N ARG A 322 -3.46 0.07 -12.39
CA ARG A 322 -4.80 -0.38 -12.73
C ARG A 322 -4.59 -1.78 -13.28
N TYR A 323 -5.59 -2.65 -13.19
CA TYR A 323 -5.42 -3.97 -13.80
C TYR A 323 -6.60 -4.34 -14.58
N ASN A 324 -6.40 -4.27 -15.93
CA ASN A 324 -7.36 -4.49 -17.05
C ASN A 324 -6.98 -5.62 -18.00
N GLY A 325 -6.43 -6.71 -17.51
CA GLY A 325 -5.88 -7.73 -18.40
C GLY A 325 -4.38 -7.47 -18.58
N SER A 326 -3.94 -6.28 -18.17
CA SER A 326 -2.55 -5.86 -18.15
C SER A 326 -2.44 -4.77 -17.10
N GLU A 327 -1.22 -4.47 -16.65
CA GLU A 327 -1.01 -3.49 -15.60
C GLU A 327 -0.75 -2.11 -16.23
N ILE A 328 -1.48 -1.10 -15.76
CA ILE A 328 -1.27 0.28 -16.21
C ILE A 328 -0.84 1.12 -15.01
N ARG A 329 0.39 1.61 -15.01
CA ARG A 329 0.88 2.34 -13.85
C ARG A 329 0.25 3.71 -13.78
N ILE A 330 -0.26 4.09 -12.60
CA ILE A 330 -0.84 5.42 -12.45
C ILE A 330 -0.07 6.26 -11.42
N MET A 331 0.88 5.63 -10.73
CA MET A 331 1.62 6.34 -9.72
C MET A 331 2.90 5.59 -9.34
N GLN A 332 3.98 6.33 -9.11
CA GLN A 332 5.21 5.73 -8.57
C GLN A 332 5.92 6.76 -7.73
N ILE A 333 6.64 6.29 -6.72
CA ILE A 333 7.49 7.17 -5.93
C ILE A 333 8.66 6.33 -5.49
N GLN A 334 9.86 6.91 -5.61
CA GLN A 334 11.05 6.26 -5.12
C GLN A 334 11.63 7.06 -3.96
N THR A 335 12.08 6.35 -2.93
CA THR A 335 12.70 6.99 -1.77
C THR A 335 13.96 6.22 -1.41
N SER A 336 14.89 6.86 -0.71
CA SER A 336 16.08 6.16 -0.23
C SER A 336 16.19 6.42 1.27
N ASP A 337 16.72 5.43 1.98
CA ASP A 337 16.77 5.34 3.43
C ASP A 337 18.21 5.47 3.91
N ASN A 338 18.52 6.60 4.52
CA ASN A 338 19.89 6.88 4.91
C ASN A 338 20.41 5.85 5.90
N ASP A 339 19.52 5.12 6.56
CA ASP A 339 19.98 4.09 7.48
C ASP A 339 20.53 2.87 6.72
N THR A 340 20.37 2.87 5.40
CA THR A 340 20.90 1.75 4.64
C THR A 340 22.19 2.08 3.93
N TYR A 341 22.72 3.26 4.20
CA TYR A 341 23.90 3.73 3.47
C TYR A 341 25.08 2.82 3.74
N ASN A 342 25.74 2.38 2.68
CA ASN A 342 26.94 1.58 2.85
C ASN A 342 27.97 2.09 1.91
N VAL A 343 29.22 2.14 2.35
CA VAL A 343 30.27 2.54 1.41
C VAL A 343 31.17 1.36 1.04
N THR A 344 31.80 1.45 -0.12
CA THR A 344 32.75 0.40 -0.48
C THR A 344 33.92 1.08 -1.15
N SER A 345 35.06 0.44 -1.10
CA SER A 345 36.26 1.11 -1.58
C SER A 345 37.11 0.31 -2.53
N TYR A 346 38.07 1.02 -3.13
CA TYR A 346 39.04 0.41 -4.01
C TYR A 346 40.36 1.15 -3.86
N PRO A 347 41.41 0.49 -3.42
CA PRO A 347 41.39 -0.94 -3.06
C PRO A 347 40.42 -1.20 -1.91
N ASN A 348 39.89 -2.41 -1.83
CA ASN A 348 38.85 -2.72 -0.83
C ASN A 348 39.41 -3.04 0.57
N HIS A 349 39.57 -1.99 1.38
CA HIS A 349 40.13 -2.12 2.71
C HIS A 349 39.21 -2.93 3.61
N GLN A 350 37.90 -2.79 3.42
CA GLN A 350 36.96 -3.55 4.23
C GLN A 350 37.05 -5.05 3.93
N GLN A 351 37.14 -5.41 2.66
CA GLN A 351 37.28 -6.81 2.33
C GLN A 351 38.63 -7.31 2.85
N ALA A 352 39.67 -6.50 2.74
CA ALA A 352 40.96 -6.93 3.26
C ALA A 352 40.93 -7.29 4.77
N LEU A 353 40.37 -6.41 5.59
CA LEU A 353 40.30 -6.71 7.03
C LEU A 353 39.46 -7.97 7.30
N LEU A 354 38.40 -8.13 6.55
CA LEU A 354 37.56 -9.31 6.77
C LEU A 354 38.35 -10.56 6.39
N LEU A 355 39.07 -10.50 5.28
CA LEU A 355 39.83 -11.63 4.85
C LEU A 355 40.87 -12.04 5.88
N LEU A 356 41.42 -11.05 6.58
CA LEU A 356 42.45 -11.32 7.57
C LEU A 356 41.96 -12.16 8.76
N THR A 357 40.64 -12.31 8.94
CA THR A 357 40.13 -13.13 10.04
C THR A 357 40.26 -14.62 9.79
N ASN A 358 40.59 -15.01 8.59
CA ASN A 358 40.86 -16.42 8.28
C ASN A 358 41.85 -16.67 7.13
N HIS A 359 42.73 -15.71 6.96
CA HIS A 359 43.79 -15.81 5.99
C HIS A 359 45.03 -15.21 6.57
N SER A 360 46.18 -15.57 6.06
CA SER A 360 47.38 -14.88 6.50
C SER A 360 47.60 -13.55 5.74
N TYR A 361 48.53 -12.73 6.23
CA TYR A 361 48.90 -11.49 5.59
C TYR A 361 49.33 -11.77 4.19
N GLU A 362 50.20 -12.72 4.00
CA GLU A 362 50.68 -12.98 2.64
C GLU A 362 49.51 -13.37 1.73
N GLU A 363 48.56 -14.15 2.24
CA GLU A 363 47.40 -14.52 1.43
C GLU A 363 46.55 -13.31 1.07
N VAL A 364 46.22 -12.50 2.06
CA VAL A 364 45.43 -11.32 1.79
C VAL A 364 46.17 -10.38 0.82
N GLU A 365 47.47 -10.23 1.02
CA GLU A 365 48.25 -9.38 0.16
C GLU A 365 48.05 -9.81 -1.29
N GLU A 366 48.10 -11.12 -1.52
CA GLU A 366 47.91 -11.69 -2.84
C GLU A 366 46.49 -11.49 -3.37
N ILE A 367 45.50 -11.69 -2.51
CA ILE A 367 44.11 -11.59 -2.94
C ILE A 367 43.67 -10.18 -3.27
N THR A 368 44.15 -9.21 -2.48
CA THR A 368 43.60 -7.85 -2.61
C THR A 368 44.51 -6.87 -3.29
N ASN A 369 45.77 -7.27 -3.48
CA ASN A 369 46.79 -6.39 -4.03
C ASN A 369 47.23 -5.34 -3.05
N ILE A 370 46.79 -5.46 -1.81
CA ILE A 370 47.21 -4.51 -0.77
C ILE A 370 48.48 -4.97 -0.03
N PRO A 371 49.51 -4.13 0.04
CA PRO A 371 50.79 -4.51 0.66
C PRO A 371 50.66 -4.88 2.15
N LYS A 372 51.53 -5.77 2.64
CA LYS A 372 51.44 -6.18 4.03
C LYS A 372 51.55 -5.02 5.01
N SER A 373 52.46 -4.08 4.75
CA SER A 373 52.58 -2.97 5.69
C SER A 373 51.24 -2.25 5.77
N THR A 374 50.57 -2.09 4.63
CA THR A 374 49.29 -1.39 4.64
C THR A 374 48.25 -2.19 5.39
N LEU A 375 48.27 -3.51 5.19
CA LEU A 375 47.34 -4.41 5.89
C LEU A 375 47.48 -4.22 7.40
N ILE A 376 48.72 -4.07 7.85
CA ILE A 376 48.95 -3.86 9.26
C ILE A 376 48.45 -2.47 9.71
N LYS A 377 48.75 -1.44 8.92
CA LYS A 377 48.27 -0.09 9.22
C LYS A 377 46.74 -0.12 9.31
N LEU A 378 46.11 -0.82 8.37
CA LEU A 378 44.66 -0.89 8.31
C LEU A 378 44.10 -1.44 9.62
N LYS A 379 44.65 -2.59 10.02
CA LYS A 379 44.28 -3.23 11.26
C LYS A 379 44.46 -2.28 12.44
N LYS A 380 45.48 -1.42 12.36
CA LYS A 380 45.76 -0.50 13.44
C LYS A 380 44.59 0.43 13.79
N HIS A 381 43.76 0.76 12.81
CA HIS A 381 42.47 1.43 13.09
C HIS A 381 41.43 1.14 12.03
#